data_8RIB
#
_entry.id   8RIB
#
_cell.length_a   56.009
_cell.length_b   45.742
_cell.length_c   52.616
_cell.angle_alpha   90.000
_cell.angle_beta   118.868
_cell.angle_gamma   90.000
#
_symmetry.space_group_name_H-M   'C 1 2 1'
#
loop_
_entity.id
_entity.type
_entity.pdbx_description
1 polymer 'Peroxisomal membrane protein PEX14'
2 non-polymer 1-(2-azanylethyl)-5-[(4-methoxynaphthalen-1-yl)methyl]-~{N}-[(4-methylsulfanylphenyl)methyl]-6,7-dihydro-4~{H}-pyrazolo[4,3-c]pyridine-3-carboxamide
3 non-polymer 1,2-ETHANEDIOL
4 non-polymer 'MALONATE ION'
5 non-polymer 'SODIUM ION'
6 non-polymer 'CHLORIDE ION'
7 water water
#
_entity_poly.entity_id   1
_entity_poly.type   'polypeptide(L)'
_entity_poly.pdbx_seq_one_letter_code
;GAMWHTHSEREKRVSNAVEFLLDSRVRRTPTSSKVHFLKSKGLSAEEI(CME)EAFTKVGQPKTLNEIKRILS
;
_entity_poly.pdbx_strand_id   A,B
#
loop_
_chem_comp.id
_chem_comp.type
_chem_comp.name
_chem_comp.formula
CL non-polymer 'CHLORIDE ION' 'Cl -1'
EDO non-polymer 1,2-ETHANEDIOL 'C2 H6 O2'
MLI non-polymer 'MALONATE ION' 'C3 H2 O4 -2'
NA non-polymer 'SODIUM ION' 'Na 1'
OJN non-polymer 1-(2-azanylethyl)-5-[(4-methoxynaphthalen-1-yl)methyl]-~{N}-[(4-methylsulfanylphenyl)methyl]-6,7-dihydro-4~{H}-pyrazolo[4,3-c]pyridine-3-carboxamide 'C29 H33 N5 O2 S'
#
# COMPACT_ATOMS: atom_id res chain seq x y z
N SER A 8 -0.70 -22.44 -13.94
CA SER A 8 0.19 -23.03 -12.89
C SER A 8 -0.38 -22.78 -11.49
N GLU A 9 0.09 -23.51 -10.46
CA GLU A 9 -0.36 -23.20 -9.08
C GLU A 9 0.25 -21.89 -8.59
N ARG A 10 1.46 -21.47 -9.00
CA ARG A 10 1.99 -20.15 -8.57
C ARG A 10 1.08 -19.08 -9.18
N GLU A 11 0.70 -19.22 -10.45
CA GLU A 11 -0.18 -18.23 -11.11
C GLU A 11 -1.52 -18.17 -10.37
N LYS A 12 -2.08 -19.31 -9.98
N LYS A 12 -2.08 -19.31 -9.98
CA LYS A 12 -3.35 -19.38 -9.22
CA LYS A 12 -3.35 -19.38 -9.22
C LYS A 12 -3.20 -18.69 -7.86
C LYS A 12 -3.20 -18.69 -7.86
N ARG A 13 -2.11 -18.94 -7.14
CA ARG A 13 -1.86 -18.25 -5.85
C ARG A 13 -1.83 -16.73 -6.05
N VAL A 14 -1.07 -16.28 -7.06
CA VAL A 14 -0.94 -14.82 -7.26
C VAL A 14 -2.29 -14.26 -7.70
N SER A 15 -3.00 -14.94 -8.59
N SER A 15 -3.00 -14.94 -8.59
CA SER A 15 -4.31 -14.47 -9.11
CA SER A 15 -4.32 -14.45 -9.10
C SER A 15 -5.33 -14.35 -7.96
C SER A 15 -5.32 -14.35 -7.95
N ASN A 16 -5.36 -15.35 -7.09
CA ASN A 16 -6.27 -15.32 -5.94
C ASN A 16 -5.87 -14.15 -5.02
N ALA A 17 -4.59 -13.97 -4.79
CA ALA A 17 -4.10 -12.83 -3.97
C ALA A 17 -4.53 -11.49 -4.55
N VAL A 18 -4.36 -11.35 -5.87
CA VAL A 18 -4.73 -10.09 -6.54
C VAL A 18 -6.22 -9.79 -6.28
N GLU A 19 -7.08 -10.75 -6.52
CA GLU A 19 -8.51 -10.51 -6.36
CA GLU A 19 -8.53 -10.53 -6.35
C GLU A 19 -8.82 -10.14 -4.91
N PHE A 20 -8.15 -10.79 -3.96
CA PHE A 20 -8.31 -10.48 -2.52
C PHE A 20 -7.90 -9.03 -2.26
N LEU A 21 -6.72 -8.63 -2.74
CA LEU A 21 -6.22 -7.28 -2.41
C LEU A 21 -7.08 -6.19 -3.02
N LEU A 22 -7.85 -6.48 -4.04
CA LEU A 22 -8.77 -5.48 -4.67
C LEU A 22 -10.01 -5.22 -3.85
N ASP A 23 -10.47 -6.19 -3.08
CA ASP A 23 -11.77 -6.10 -2.36
C ASP A 23 -11.73 -4.88 -1.47
N SER A 24 -12.80 -4.08 -1.47
N SER A 24 -12.81 -4.09 -1.47
CA SER A 24 -12.82 -2.79 -0.73
CA SER A 24 -12.82 -2.80 -0.73
C SER A 24 -12.54 -3.02 0.76
C SER A 24 -12.56 -3.02 0.75
N ARG A 25 -13.06 -4.13 1.28
CA ARG A 25 -12.89 -4.42 2.72
C ARG A 25 -11.42 -4.74 3.03
N VAL A 26 -10.77 -5.34 2.05
CA VAL A 26 -9.35 -5.72 2.15
C VAL A 26 -8.46 -4.49 1.92
N ARG A 27 -8.78 -3.64 0.95
CA ARG A 27 -7.96 -2.43 0.74
C ARG A 27 -7.77 -1.64 2.03
N ARG A 28 -8.85 -1.54 2.81
CA ARG A 28 -8.79 -0.73 4.04
C ARG A 28 -8.18 -1.50 5.20
N THR A 29 -7.92 -2.80 5.03
CA THR A 29 -7.22 -3.61 6.04
C THR A 29 -5.71 -3.31 5.94
N PRO A 30 -4.99 -3.19 7.07
CA PRO A 30 -3.57 -2.88 7.03
C PRO A 30 -2.75 -3.87 6.20
N THR A 31 -1.67 -3.34 5.60
CA THR A 31 -0.71 -4.11 4.84
C THR A 31 -0.17 -5.28 5.66
N SER A 32 0.25 -5.04 6.89
CA SER A 32 0.85 -6.09 7.73
C SER A 32 -0.10 -7.27 7.82
N SER A 33 -1.37 -6.98 8.16
CA SER A 33 -2.38 -8.04 8.34
C SER A 33 -2.53 -8.84 7.07
N LYS A 34 -2.56 -8.17 5.93
CA LYS A 34 -2.74 -8.84 4.63
C LYS A 34 -1.54 -9.67 4.23
N VAL A 35 -0.34 -9.20 4.56
CA VAL A 35 0.90 -9.96 4.27
C VAL A 35 0.96 -11.21 5.13
N HIS A 36 0.74 -11.10 6.44
CA HIS A 36 0.73 -12.32 7.27
C HIS A 36 -0.39 -13.28 6.82
N PHE A 37 -1.54 -12.76 6.45
CA PHE A 37 -2.65 -13.60 5.97
C PHE A 37 -2.24 -14.32 4.69
N LEU A 38 -1.68 -13.63 3.72
CA LEU A 38 -1.35 -14.27 2.43
C LEU A 38 -0.24 -15.30 2.61
N LYS A 39 0.67 -15.09 3.55
N LYS A 39 0.69 -15.11 3.56
CA LYS A 39 1.68 -16.12 3.92
CA LYS A 39 1.68 -16.16 3.88
C LYS A 39 0.92 -17.36 4.43
C LYS A 39 0.92 -17.37 4.42
N SER A 40 -0.11 -17.15 5.26
CA SER A 40 -0.88 -18.27 5.86
C SER A 40 -1.64 -19.02 4.78
N LYS A 41 -1.92 -18.40 3.63
CA LYS A 41 -2.61 -19.04 2.49
C LYS A 41 -1.60 -19.74 1.58
N GLY A 42 -0.31 -19.71 1.94
CA GLY A 42 0.72 -20.49 1.22
C GLY A 42 1.52 -19.69 0.21
N LEU A 43 1.38 -18.37 0.16
CA LEU A 43 2.24 -17.58 -0.74
C LEU A 43 3.61 -17.32 -0.11
N SER A 44 4.63 -17.28 -0.95
CA SER A 44 5.98 -16.82 -0.55
C SER A 44 5.96 -15.29 -0.45
N ALA A 45 6.99 -14.74 0.15
CA ALA A 45 7.18 -13.28 0.17
C ALA A 45 7.18 -12.75 -1.27
N GLU A 46 7.89 -13.42 -2.17
CA GLU A 46 7.98 -12.98 -3.58
C GLU A 46 6.61 -12.96 -4.25
N GLU A 47 5.80 -13.98 -4.01
CA GLU A 47 4.45 -14.04 -4.63
C GLU A 47 3.57 -12.93 -4.03
N ILE A 48 3.67 -12.69 -2.74
CA ILE A 48 2.89 -11.60 -2.09
C ILE A 48 3.30 -10.27 -2.72
N CME A 49 4.60 -10.08 -2.85
CA CME A 49 5.13 -8.86 -3.47
CB CME A 49 6.66 -8.91 -3.45
SG CME A 49 7.40 -7.39 -4.00
SD CME A 49 7.13 -7.43 -6.04
CE CME A 49 8.53 -8.43 -6.59
CZ CME A 49 9.83 -7.72 -6.42
OH CME A 49 9.80 -6.41 -6.89
C CME A 49 4.55 -8.69 -4.88
O CME A 49 4.06 -7.59 -5.21
H CME A 49 5.26 -10.67 -2.58
HA CME A 49 4.84 -8.09 -2.93
HB2 CME A 49 6.97 -9.11 -2.53
HB3 CME A 49 6.97 -9.65 -4.04
HE2 CME A 49 8.54 -9.27 -6.06
HE3 CME A 49 8.40 -8.67 -7.55
HZ2 CME A 49 10.54 -8.23 -6.90
HZ3 CME A 49 10.07 -7.72 -5.46
HH CME A 49 10.56 -6.05 -6.79
N GLU A 50 4.54 -9.76 -5.66
CA GLU A 50 4.04 -9.67 -7.07
C GLU A 50 2.55 -9.27 -7.03
N ALA A 51 1.77 -9.84 -6.12
CA ALA A 51 0.32 -9.51 -6.05
C ALA A 51 0.12 -8.04 -5.74
N PHE A 52 0.84 -7.51 -4.75
CA PHE A 52 0.72 -6.08 -4.40
C PHE A 52 1.06 -5.22 -5.60
N THR A 53 2.11 -5.54 -6.31
CA THR A 53 2.50 -4.74 -7.48
C THR A 53 1.40 -4.85 -8.55
N LYS A 54 0.93 -6.06 -8.82
CA LYS A 54 -0.05 -6.26 -9.91
C LYS A 54 -1.31 -5.40 -9.65
N VAL A 55 -1.74 -5.29 -8.39
CA VAL A 55 -2.97 -4.49 -8.12
C VAL A 55 -2.68 -2.99 -8.08
N GLY A 56 -1.43 -2.57 -8.32
CA GLY A 56 -1.14 -1.14 -8.24
C GLY A 56 -1.05 -0.63 -6.82
N GLN A 57 -0.63 -1.50 -5.90
CA GLN A 57 -0.36 -1.13 -4.50
C GLN A 57 1.05 -1.60 -4.18
N PRO A 58 2.07 -1.26 -5.00
CA PRO A 58 3.38 -1.85 -4.84
C PRO A 58 3.97 -1.62 -3.44
N LYS A 59 4.63 -2.65 -2.98
CA LYS A 59 5.47 -2.68 -1.79
C LYS A 59 6.86 -3.13 -2.20
N THR A 60 7.85 -2.71 -1.47
CA THR A 60 9.18 -3.31 -1.69
C THR A 60 9.17 -4.74 -1.17
N LEU A 61 9.98 -5.59 -1.76
CA LEU A 61 10.13 -6.96 -1.23
C LEU A 61 10.68 -6.86 0.18
N ASN A 62 11.55 -5.89 0.44
CA ASN A 62 12.10 -5.70 1.80
C ASN A 62 10.95 -5.52 2.80
N GLU A 63 9.97 -4.67 2.48
CA GLU A 63 8.85 -4.38 3.39
C GLU A 63 8.12 -5.69 3.69
N ILE A 64 7.82 -6.47 2.67
CA ILE A 64 7.11 -7.76 2.86
CA ILE A 64 7.13 -7.78 2.81
C ILE A 64 7.93 -8.68 3.75
N LYS A 65 9.23 -8.77 3.50
CA LYS A 65 10.07 -9.67 4.34
C LYS A 65 10.19 -9.13 5.77
N ARG A 66 10.23 -7.81 5.97
N ARG A 66 10.23 -7.81 5.97
CA ARG A 66 10.31 -7.23 7.32
CA ARG A 66 10.31 -7.20 7.31
C ARG A 66 9.02 -7.56 8.08
C ARG A 66 9.03 -7.53 8.08
N ILE A 67 7.88 -7.41 7.44
CA ILE A 67 6.60 -7.78 8.08
C ILE A 67 6.66 -9.24 8.52
N LEU A 68 7.04 -10.13 7.64
CA LEU A 68 6.99 -11.57 7.91
C LEU A 68 8.05 -11.98 8.94
N SER A 69 9.08 -11.19 9.21
CA SER A 69 10.22 -11.55 10.10
C SER A 69 10.16 -10.78 11.42
N SER B 8 -7.40 26.22 2.06
CA SER B 8 -6.49 26.15 3.24
C SER B 8 -5.16 25.50 2.83
N GLU B 9 -4.12 25.68 3.63
CA GLU B 9 -2.82 25.03 3.38
C GLU B 9 -2.94 23.51 3.54
N ARG B 10 -3.73 23.02 4.50
CA ARG B 10 -3.92 21.56 4.66
C ARG B 10 -4.57 21.01 3.38
N GLU B 11 -5.61 21.69 2.89
CA GLU B 11 -6.31 21.26 1.65
C GLU B 11 -5.32 21.23 0.49
N LYS B 12 -4.47 22.23 0.36
CA LYS B 12 -3.47 22.31 -0.74
C LYS B 12 -2.49 21.13 -0.64
N ARG B 13 -1.99 20.82 0.56
CA ARG B 13 -1.06 19.68 0.74
C ARG B 13 -1.77 18.40 0.32
N VAL B 14 -3.00 18.19 0.78
CA VAL B 14 -3.69 16.94 0.47
C VAL B 14 -3.98 16.86 -1.03
N SER B 15 -4.46 17.95 -1.64
N SER B 15 -4.50 17.92 -1.64
CA SER B 15 -4.82 17.97 -3.08
CA SER B 15 -4.82 17.96 -3.09
C SER B 15 -3.57 17.70 -3.92
C SER B 15 -3.56 17.69 -3.92
N ASN B 16 -2.45 18.33 -3.57
CA ASN B 16 -1.21 18.08 -4.30
C ASN B 16 -0.79 16.62 -4.13
N ALA B 17 -0.89 16.07 -2.92
CA ALA B 17 -0.53 14.68 -2.68
C ALA B 17 -1.40 13.75 -3.52
N VAL B 18 -2.70 14.02 -3.59
CA VAL B 18 -3.61 13.18 -4.38
C VAL B 18 -3.15 13.16 -5.84
N GLU B 19 -2.93 14.31 -6.42
CA GLU B 19 -2.52 14.34 -7.83
C GLU B 19 -1.18 13.63 -8.02
N PHE B 20 -0.28 13.74 -7.07
CA PHE B 20 1.00 12.99 -7.07
C PHE B 20 0.72 11.49 -7.10
N LEU B 21 -0.09 11.02 -6.15
CA LEU B 21 -0.30 9.55 -6.06
C LEU B 21 -0.96 8.97 -7.31
N LEU B 22 -1.70 9.78 -8.06
CA LEU B 22 -2.38 9.31 -9.28
C LEU B 22 -1.46 9.20 -10.48
N ASP B 23 -0.35 9.92 -10.49
CA ASP B 23 0.58 9.88 -11.63
C ASP B 23 1.03 8.43 -11.85
N SER B 24 1.06 7.96 -13.10
CA SER B 24 1.36 6.52 -13.35
C SER B 24 2.78 6.19 -12.86
N ARG B 25 3.67 7.15 -12.93
CA ARG B 25 5.09 6.92 -12.50
C ARG B 25 5.11 6.70 -10.98
N VAL B 26 4.27 7.42 -10.29
CA VAL B 26 4.15 7.36 -8.82
C VAL B 26 3.36 6.10 -8.41
N ARG B 27 2.31 5.74 -9.14
CA ARG B 27 1.59 4.50 -8.83
C ARG B 27 2.54 3.32 -8.74
N ARG B 28 3.52 3.25 -9.63
CA ARG B 28 4.43 2.08 -9.66
C ARG B 28 5.53 2.22 -8.58
N THR B 29 5.63 3.36 -7.94
CA THR B 29 6.61 3.59 -6.86
C THR B 29 6.08 2.98 -5.57
N PRO B 30 6.89 2.24 -4.81
CA PRO B 30 6.38 1.61 -3.60
C PRO B 30 5.85 2.59 -2.57
N THR B 31 4.89 2.07 -1.78
CA THR B 31 4.20 2.82 -0.73
C THR B 31 5.21 3.52 0.17
N SER B 32 6.23 2.80 0.65
CA SER B 32 7.17 3.37 1.63
C SER B 32 7.79 4.62 1.07
N SER B 33 8.30 4.54 -0.15
CA SER B 33 8.99 5.67 -0.78
C SER B 33 8.06 6.86 -0.87
N LYS B 34 6.80 6.61 -1.23
CA LYS B 34 5.81 7.69 -1.38
C LYS B 34 5.48 8.34 -0.04
N VAL B 35 5.37 7.54 0.99
CA VAL B 35 5.05 8.04 2.35
C VAL B 35 6.20 8.89 2.88
N HIS B 36 7.45 8.40 2.77
CA HIS B 36 8.61 9.18 3.23
C HIS B 36 8.72 10.50 2.44
N PHE B 37 8.50 10.43 1.13
CA PHE B 37 8.56 11.60 0.26
C PHE B 37 7.49 12.61 0.67
N LEU B 38 6.26 12.18 0.88
CA LEU B 38 5.19 13.14 1.18
C LEU B 38 5.45 13.79 2.55
N LYS B 39 6.04 13.08 3.50
CA LYS B 39 6.45 13.73 4.77
C LYS B 39 7.49 14.83 4.46
N SER B 40 8.42 14.55 3.56
CA SER B 40 9.48 15.52 3.21
C SER B 40 8.89 16.76 2.52
N LYS B 41 7.69 16.65 1.93
CA LYS B 41 6.99 17.80 1.30
C LYS B 41 6.17 18.56 2.34
N GLY B 42 6.17 18.12 3.59
CA GLY B 42 5.55 18.86 4.69
C GLY B 42 4.19 18.34 5.05
N LEU B 43 3.78 17.18 4.53
CA LEU B 43 2.52 16.58 4.98
C LEU B 43 2.72 15.87 6.31
N SER B 44 1.70 15.98 7.14
CA SER B 44 1.58 15.21 8.38
C SER B 44 1.18 13.80 8.01
N ALA B 45 1.34 12.90 8.96
CA ALA B 45 0.87 11.51 8.79
C ALA B 45 -0.64 11.55 8.46
N GLU B 46 -1.37 12.47 9.09
CA GLU B 46 -2.84 12.55 8.88
C GLU B 46 -3.13 12.94 7.43
N GLU B 47 -2.40 13.90 6.91
CA GLU B 47 -2.65 14.37 5.54
CA GLU B 47 -2.55 14.43 5.53
C GLU B 47 -2.23 13.30 4.54
N ILE B 48 -1.13 12.59 4.82
CA ILE B 48 -0.74 11.45 3.93
C ILE B 48 -1.87 10.43 3.93
N CME B 49 -2.34 10.11 5.12
N CME B 49 -2.40 10.17 5.11
CA CME B 49 -3.49 9.23 5.32
CA CME B 49 -3.45 9.18 5.21
CB CME B 49 -3.85 9.34 6.79
CB CME B 49 -3.70 8.99 6.70
SG CME B 49 -5.19 8.24 7.28
SG CME B 49 -5.04 7.84 7.07
SD CME B 49 -6.88 9.25 6.83
CE CME B 49 -7.01 10.57 8.06
CZ CME B 49 -6.76 10.21 9.49
OH CME B 49 -6.76 11.37 10.32
C CME B 49 -4.66 9.64 4.42
C CME B 49 -4.69 9.63 4.42
O CME B 49 -5.21 8.81 3.66
O CME B 49 -5.33 8.81 3.73
H CME B 49 -1.97 10.40 5.91
H CME B 49 -2.15 10.55 5.91
HA CME B 49 -3.22 8.30 5.12
HA CME B 49 -3.12 8.32 4.83
HB2 CME B 49 -3.06 9.13 7.33
HB2 CME B 49 -2.87 8.66 7.13
HB3 CME B 49 -4.13 10.27 6.98
HB3 CME B 49 -3.91 9.86 7.10
HE2 CME B 49 -6.38 11.28 7.79
HE3 CME B 49 -7.93 10.95 7.99
HZ2 CME B 49 -5.88 9.75 9.56
HZ3 CME B 49 -7.46 9.58 9.80
HH CME B 49 -6.60 11.15 11.10
HS2 CME B 49 -7.86 9.49 6.24
HG CME B 49 -4.66 7.23 7.00
HG CME B 49 -4.94 7.95 8.26
N GLU B 50 -5.02 10.92 4.50
CA GLU B 50 -6.19 11.43 3.75
C GLU B 50 -5.95 11.24 2.25
N ALA B 51 -4.75 11.53 1.78
CA ALA B 51 -4.46 11.46 0.33
C ALA B 51 -4.60 10.01 -0.14
N PHE B 52 -4.07 9.05 0.60
CA PHE B 52 -4.16 7.64 0.18
C PHE B 52 -5.63 7.24 0.15
N THR B 53 -6.42 7.63 1.13
CA THR B 53 -7.86 7.33 1.14
C THR B 53 -8.51 7.92 -0.09
N LYS B 54 -8.25 9.20 -0.38
N LYS B 54 -8.24 9.19 -0.38
CA LYS B 54 -8.94 9.88 -1.49
CA LYS B 54 -8.95 9.88 -1.46
C LYS B 54 -8.68 9.14 -2.80
C LYS B 54 -8.67 9.17 -2.80
N VAL B 55 -7.46 8.65 -3.03
CA VAL B 55 -7.19 7.94 -4.30
C VAL B 55 -7.65 6.50 -4.29
N GLY B 56 -8.32 6.05 -3.23
CA GLY B 56 -8.90 4.72 -3.21
C GLY B 56 -7.96 3.66 -2.71
N GLN B 57 -6.87 4.05 -2.04
CA GLN B 57 -5.88 3.10 -1.50
C GLN B 57 -5.69 3.35 -0.03
N PRO B 58 -6.78 3.22 0.74
CA PRO B 58 -6.77 3.65 2.13
C PRO B 58 -5.67 2.94 2.92
N LYS B 59 -5.09 3.71 3.81
CA LYS B 59 -4.16 3.23 4.84
C LYS B 59 -4.64 3.71 6.18
N THR B 60 -4.39 2.93 7.21
CA THR B 60 -4.61 3.42 8.58
C THR B 60 -3.56 4.47 8.91
N LEU B 61 -3.91 5.38 9.78
CA LEU B 61 -2.97 6.41 10.25
C LEU B 61 -1.78 5.72 10.89
N ASN B 62 -2.02 4.63 11.62
CA ASN B 62 -0.93 3.98 12.33
C ASN B 62 0.00 3.27 11.36
N GLU B 63 -0.50 2.74 10.24
CA GLU B 63 0.42 2.19 9.20
C GLU B 63 1.31 3.30 8.67
N ILE B 64 0.75 4.48 8.41
N ILE B 64 0.74 4.48 8.37
CA ILE B 64 1.56 5.62 7.89
CA ILE B 64 1.57 5.62 7.88
C ILE B 64 2.61 6.01 8.93
C ILE B 64 2.63 5.94 8.94
N LYS B 65 2.22 6.05 10.20
CA LYS B 65 3.17 6.42 11.28
C LYS B 65 4.25 5.35 11.41
N ARG B 66 3.91 4.05 11.27
CA ARG B 66 4.91 2.96 11.34
C ARG B 66 5.91 3.13 10.20
N ILE B 67 5.42 3.39 9.01
CA ILE B 67 6.35 3.56 7.87
C ILE B 67 7.28 4.74 8.15
N LEU B 68 6.75 5.86 8.60
CA LEU B 68 7.55 7.11 8.76
C LEU B 68 8.69 6.88 9.73
N SER B 69 9.84 7.48 9.44
CA SER B 69 11.07 7.36 10.25
C SER B 69 10.91 8.27 11.47
N1 OJN C . -11.22 -14.94 -1.10
N3 OJN C . -11.96 -13.28 3.09
C4 OJN C . -13.68 -13.92 1.43
C5 OJN C . -13.28 -13.93 2.89
C6 OJN C . -10.83 -14.00 2.48
C7 OJN C . -11.73 -13.13 4.53
C8 OJN C . -10.61 -12.18 4.89
C10 OJN C . -9.75 -9.92 5.34
C13 OJN C . -9.38 -12.68 5.20
C15 OJN C . -12.19 -8.80 4.67
C17 OJN C . -9.94 -8.52 5.42
C20 OJN C . -6.91 -14.97 -1.20
C21 OJN C . -6.37 -16.33 -1.54
C22 OJN C . -5.01 -16.45 -1.74
C24 OJN C . -5.27 -18.75 -2.43
C26 OJN C . -7.17 -17.43 -1.83
C28 OJN C . -13.59 -13.92 -2.83
C1 OJN C . -10.43 -14.75 -0.02
N2 OJN C . -12.49 -14.66 -0.70
C2 OJN C . -12.51 -14.30 0.61
C3 OJN C . -11.20 -14.36 1.07
C9 OJN C . -10.82 -10.77 4.94
C11 OJN C . -8.49 -10.51 5.66
C12 OJN C . -8.32 -11.87 5.59
C14 OJN C . -12.05 -10.15 4.59
C16 OJN C . -11.14 -7.98 5.08
O1 OJN C . -7.55 -9.61 6.03
C18 OJN C . -6.21 -10.08 6.25
C19 OJN C . -9.01 -15.01 -0.01
N4 OJN C . -8.37 -14.86 -1.15
C23 OJN C . -4.46 -17.66 -2.15
C25 OJN C . -6.63 -18.64 -2.20
O2 OJN C . -8.44 -15.38 1.04
C27 OJN C . -13.65 -14.78 -1.57
N5 OJN C . -12.22 -13.61 -3.27
S1 OJN C . -4.52 -20.27 -2.91
C29 OJN C . -4.65 -20.36 -4.69
H2 OJN C . -13.99 -13.02 1.19
H1 OJN C . -14.42 -14.53 1.29
H4 OJN C . -13.95 -13.45 3.42
H3 OJN C . -13.23 -14.85 3.21
H6 OJN C . -10.64 -14.81 3.01
H5 OJN C . -10.03 -13.43 2.50
H8 OJN C . -12.55 -12.82 4.96
H7 OJN C . -11.52 -14.01 4.91
H10 OJN C . -9.24 -13.61 5.19
H12 OJN C . -13.03 -8.41 4.47
H14 OJN C . -9.23 -7.96 5.65
H19 OJN C . -6.54 -14.70 -0.34
H20 OJN C . -6.58 -14.33 -1.88
H21 OJN C . -4.44 -15.71 -1.61
H24 OJN C . -8.10 -17.36 -1.71
H28 OJN C . -14.06 -14.39 -3.55
H27 OJN C . -14.06 -13.08 -2.65
H9 OJN C . -7.49 -12.25 5.83
H11 OJN C . -12.79 -10.68 4.36
H13 OJN C . -11.26 -7.04 5.11
H17 OJN C . -5.64 -9.31 6.43
H15 OJN C . -5.90 -10.53 5.45
H16 OJN C . -6.20 -10.68 7.01
H18 OJN C . -8.81 -14.69 -1.89
H22 OJN C . -3.53 -17.73 -2.28
H23 OJN C . -7.19 -19.37 -2.38
H26 OJN C . -13.74 -15.72 -1.83
H25 OJN C . -14.45 -14.54 -1.06
H30 OJN C . -11.76 -14.37 -3.38
H29 OJN C . -12.25 -13.22 -4.07
H31 OJN C . -3.88 -20.84 -5.04
H32 OJN C . -4.67 -19.46 -5.05
H33 OJN C . -5.46 -20.83 -4.93
C1 EDO D . 7.23 -6.89 12.53
O1 EDO D . 8.29 -6.52 13.39
C2 EDO D . 7.58 -7.96 11.56
O2 EDO D . 7.04 -9.27 11.92
H11 EDO D . 6.94 -6.10 12.02
H12 EDO D . 6.48 -7.19 13.07
HO1 EDO D . 8.04 -5.91 14.02
H21 EDO D . 8.55 -8.03 11.51
H22 EDO D . 7.24 -7.70 10.68
HO2 EDO D . 7.31 -9.48 12.68
C1 EDO E . -0.62 -23.58 -1.22
O1 EDO E . -0.02 -23.97 0.05
C2 EDO E . -1.91 -22.82 -1.09
O2 EDO E . -1.81 -21.47 -1.52
H11 EDO E . -0.78 -24.39 -1.75
H12 EDO E . 0.01 -23.01 -1.70
HO1 EDO E . 0.53 -24.53 -0.22
H21 EDO E . -2.21 -22.84 -0.14
H22 EDO E . -2.61 -23.28 -1.63
HO2 EDO E . -0.98 -21.23 -1.42
C1 EDO F . -17.30 -1.24 0.47
O1 EDO F . -16.99 -2.11 1.56
C2 EDO F . -18.56 -1.58 -0.25
O2 EDO F . -19.36 -0.47 -0.66
H11 EDO F . -16.56 -1.26 -0.17
H12 EDO F . -17.37 -0.32 0.80
HO1 EDO F . -16.24 -1.91 1.91
H21 EDO F . -19.11 -2.16 0.32
H22 EDO F . -18.33 -2.10 -1.05
HO2 EDO F . -18.91 0.03 -1.17
C1 EDO G . -12.65 -17.66 1.79
O1 EDO G . -12.40 -18.12 0.46
C2 EDO G . -14.11 -17.33 2.01
O2 EDO G . -14.80 -18.04 3.02
H11 EDO G . -12.11 -16.85 1.96
H12 EDO G . -12.37 -18.35 2.43
HO1 EDO G . -11.50 -18.27 0.43
H21 EDO G . -14.58 -17.47 1.16
H22 EDO G . -14.18 -16.37 2.21
HO2 EDO G . -14.26 -18.24 3.65
C1 EDO H . -1.65 -15.82 -15.31
O1 EDO H . -2.16 -14.93 -14.34
C2 EDO H . -2.71 -16.64 -15.95
O2 EDO H . -2.71 -18.00 -15.54
H11 EDO H . -1.00 -16.42 -14.88
H12 EDO H . -1.18 -15.31 -16.00
HO1 EDO H . -1.57 -14.45 -13.95
H21 EDO H . -2.59 -16.60 -16.92
H22 EDO H . -3.59 -16.25 -15.73
HO2 EDO H . -2.89 -18.05 -14.72
C1 EDO I . -10.25 -17.66 -11.93
O1 EDO I . -10.33 -17.02 -10.64
C2 EDO I . -8.89 -17.64 -12.54
O2 EDO I . -8.51 -18.90 -13.05
H11 EDO I . -10.88 -17.20 -12.55
H12 EDO I . -10.53 -18.60 -11.83
HO1 EDO I . -11.21 -17.13 -10.43
H21 EDO I . -8.24 -17.36 -11.86
H22 EDO I . -8.87 -16.98 -13.27
HO2 EDO I . -8.93 -19.04 -13.77
C1 MLI J . -11.78 4.67 2.14
C2 MLI J . -12.94 5.66 2.12
C3 MLI J . -12.13 3.20 2.23
O6 MLI J . -13.59 5.76 3.16
O7 MLI J . -13.15 6.34 1.06
O8 MLI J . -12.74 2.62 1.27
O9 MLI J . -11.80 2.64 3.26
H11 MLI J . -11.22 4.90 2.90
H12 MLI J . -11.26 4.81 1.34
NA NA K . 0.52 -2.31 8.21
N1 OJN L . 4.35 17.35 -8.30
N3 OJN L . 7.94 14.58 -8.88
C4 OJN L . 6.95 16.11 -10.55
C5 OJN L . 8.24 15.57 -9.93
C6 OJN L . 7.30 15.21 -7.71
C7 OJN L . 9.14 13.86 -8.48
C8 OJN L . 8.92 12.60 -7.69
C10 OJN L . 8.40 10.19 -7.55
C13 OJN L . 9.09 12.61 -6.33
C15 OJN L . 7.97 10.10 -10.30
C17 OJN L . 8.07 8.98 -8.17
C20 OJN L . 3.21 16.44 -4.33
C21 OJN L . 3.20 17.70 -3.51
C22 OJN L . 3.47 18.97 -4.03
C24 OJN L . 3.07 19.95 -1.87
C26 OJN L . 2.87 17.58 -2.18
C28 OJN L . 4.65 19.43 -10.62
C1 OJN L . 5.11 16.59 -7.50
N2 OJN L . 4.91 17.25 -9.52
C2 OJN L . 6.03 16.49 -9.46
C3 OJN L . 6.20 16.09 -8.17
C9 OJN L . 8.55 11.38 -8.34
C11 OJN L . 8.66 10.27 -6.13
C12 OJN L . 8.97 11.46 -5.55
C14 OJN L . 8.31 11.29 -9.73
C16 OJN L . 7.84 8.94 -9.52
O1 OJN L . 8.49 9.09 -5.47
C18 OJN L . 8.59 9.09 -4.04
C19 OJN L . 4.84 16.51 -6.08
N4 OJN L . 3.57 16.59 -5.72
C23 OJN L . 3.40 20.08 -3.23
C25 OJN L . 2.80 18.69 -1.37
O2 OJN L . 5.77 16.37 -5.28
C27 OJN L . 4.31 17.95 -10.65
N5 OJN L . 6.01 19.70 -10.10
S1 OJN L . 2.89 21.24 -0.70
C29 OJN L . 1.39 22.08 -1.15
H2 OJN L . 6.55 15.42 -11.11
H1 OJN L . 7.16 16.88 -11.10
H4 OJN L . 8.78 15.14 -10.63
H3 OJN L . 8.75 16.31 -9.54
H6 OJN L . 7.97 15.72 -7.22
H5 OJN L . 6.95 14.51 -7.12
H8 OJN L . 9.66 13.63 -9.29
H7 OJN L . 9.70 14.46 -7.95
H10 OJN L . 9.37 13.41 -5.90
H12 OJN L . 7.83 10.05 -11.22
H14 OJN L . 7.95 8.20 -7.66
H19 OJN L . 3.83 15.81 -3.91
H20 OJN L . 2.31 16.05 -4.29
H21 OJN L . 3.69 19.06 -4.94
H24 OJN L . 2.67 16.73 -1.82
H28 OJN L . 4.59 19.79 -11.53
H27 OJN L . 4.00 19.90 -10.06
H9 OJN L . 9.13 11.51 -4.62
H11 OJN L . 8.42 12.05 -10.28
H13 OJN L . 7.60 8.13 -9.93
H17 OJN L . 8.41 8.20 -3.72
H15 OJN L . 7.95 9.70 -3.66
H16 OJN L . 9.49 9.36 -3.79
H18 OJN L . 2.96 16.73 -6.32
H22 OJN L . 3.57 20.94 -3.58
H23 OJN L . 2.55 18.60 -0.47
H26 OJN L . 4.63 17.54 -11.48
H25 OJN L . 3.34 17.84 -10.61
H30 OJN L . 6.62 19.22 -10.54
H29 OJN L . 6.22 20.55 -10.21
H31 OJN L . 1.14 22.69 -0.45
H32 OJN L . 0.68 21.42 -1.29
H33 OJN L . 1.53 22.58 -1.97
C1 EDO M . -0.72 -1.90 11.22
O1 EDO M . 0.53 -1.31 11.00
C2 EDO M . -1.61 -1.04 12.06
O2 EDO M . -2.54 -0.26 11.33
H11 EDO M . -0.60 -2.77 11.67
H12 EDO M . -1.17 -2.06 10.36
HO1 EDO M . 1.02 -1.76 10.56
H21 EDO M . -1.05 -0.45 12.60
H22 EDO M . -2.11 -1.62 12.67
HO2 EDO M . -2.12 0.25 10.80
C1 EDO N . 7.80 11.93 11.81
O1 EDO N . 8.51 11.75 10.60
C2 EDO N . 6.76 10.89 12.06
O2 EDO N . 5.43 11.30 11.73
H11 EDO N . 7.37 12.81 11.82
H12 EDO N . 8.44 11.92 12.56
HO1 EDO N . 8.81 12.46 10.58
H21 EDO N . 6.79 10.63 13.01
H22 EDO N . 6.99 10.09 11.51
HO2 EDO N . 5.12 11.80 12.36
C1 MLI O . 9.78 1.65 10.94
C2 MLI O . 9.64 2.61 9.76
C3 MLI O . 8.63 1.20 11.84
O6 MLI O . 9.37 2.11 8.68
O7 MLI O . 9.86 3.84 9.92
O8 MLI O . 8.49 -0.05 12.00
O9 MLI O . 7.99 2.07 12.49
H11 MLI O . 10.46 2.04 11.51
H12 MLI O . 10.17 0.84 10.57
NA NA P . 7.60 5.03 12.21
NA NA Q . -4.38 24.91 7.05
NA NA R . -6.15 16.89 -6.37
NA NA S . -0.47 1.69 -1.82
CL CL T . 6.82 -0.41 0.55
#